data_1XDG
#
_entry.id   1XDG
#
_cell.length_a   71.900
_cell.length_b   77.400
_cell.length_c   92.300
_cell.angle_alpha   90.00
_cell.angle_beta   90.00
_cell.angle_gamma   90.00
#
_symmetry.space_group_name_H-M   'P 21 21 21'
#
loop_
_entity.id
_entity.type
_entity.pdbx_description
1 polymer 'Integrin alpha-L'
2 non-polymer 'MAGNESIUM ION'
3 non-polymer '(1S,3R,8AS)-8-(2-{(4S,6S)-3-(4-HYDROXY-3-METHOXYBENZYL)-4-[2-(METHYLAMINO)-2-OXOETHYL]-2-OXO-1,3-OXAZINAN-6-YL}ETHYL)-3 ,7-DIMETHYL-1,2,3,7,8,8A-HEXAHYDRONAPHTHALEN-1-YL (2R)-2-METHYLBUTANOATE'
4 water water
#
_entity_poly.entity_id   1
_entity_poly.type   'polypeptide(L)'
_entity_poly.pdbx_seq_one_letter_code
;MASKGNVDLVFLFDGSMSLQPDEFQKILDFMKDVMKKLSNTSYQFAAVQFSTSYKTEFDFSDYVKWKDPDALLKHVKHML
LLTNTFGAINYVATEVFREELGARPDATKVLIIITDGEATDSGNIDAAKDIIRYIIGIGKHFQTKESQETLHKFASKPAS
EFVKILDTFEKLKDLFTELQKKIYVIEG
;
_entity_poly.pdbx_strand_id   A,B
#
# COMPACT_ATOMS: atom_id res chain seq x y z
N GLY A 5 -12.61 4.71 5.55
CA GLY A 5 -12.88 6.09 5.06
C GLY A 5 -11.64 6.93 4.79
N ASN A 6 -11.72 8.24 5.00
CA ASN A 6 -10.57 9.11 4.92
C ASN A 6 -9.80 9.26 6.26
N VAL A 7 -8.48 9.26 6.17
CA VAL A 7 -7.59 9.46 7.31
C VAL A 7 -6.68 10.68 7.06
N ASP A 8 -6.72 11.63 7.98
CA ASP A 8 -5.86 12.81 7.96
C ASP A 8 -4.80 12.52 9.03
N LEU A 9 -3.57 12.27 8.61
CA LEU A 9 -2.49 11.90 9.52
C LEU A 9 -1.44 13.01 9.70
N VAL A 10 -1.07 13.30 10.95
CA VAL A 10 -0.05 14.29 11.25
C VAL A 10 1.15 13.64 11.92
N PHE A 11 2.33 13.85 11.36
CA PHE A 11 3.54 13.43 12.01
C PHE A 11 3.98 14.60 12.90
N LEU A 12 4.13 14.32 14.16
CA LEU A 12 4.61 15.29 15.13
C LEU A 12 5.95 14.76 15.57
N PHE A 13 7.03 15.35 15.05
CA PHE A 13 8.38 14.83 15.26
C PHE A 13 9.35 15.75 16.08
N ASP A 14 10.05 15.07 16.98
CA ASP A 14 11.00 15.61 17.94
C ASP A 14 12.25 16.16 17.26
N GLY A 15 12.52 17.43 17.50
CA GLY A 15 13.73 18.07 16.99
C GLY A 15 14.65 18.56 18.12
N SER A 16 14.63 17.86 19.24
CA SER A 16 15.42 18.27 20.42
C SER A 16 16.93 18.08 20.23
N MET A 17 17.67 18.77 21.10
CA MET A 17 19.14 18.75 21.08
C MET A 17 19.75 17.38 21.48
N SER A 18 18.96 16.47 22.01
CA SER A 18 19.48 15.13 22.30
C SER A 18 19.77 14.35 21.02
N LEU A 19 19.08 14.69 19.93
CA LEU A 19 19.27 13.96 18.68
C LEU A 19 20.56 14.29 17.93
N GLN A 20 21.31 13.25 17.61
CA GLN A 20 22.45 13.38 16.71
C GLN A 20 21.90 13.58 15.30
N PRO A 21 22.73 14.14 14.40
CA PRO A 21 22.27 14.41 13.04
C PRO A 21 21.76 13.19 12.29
N ASP A 22 22.39 12.04 12.47
CA ASP A 22 21.95 10.84 11.78
C ASP A 22 20.66 10.27 12.35
N GLU A 23 20.39 10.56 13.62
CA GLU A 23 19.19 10.10 14.27
C GLU A 23 18.00 10.94 13.76
N PHE A 24 18.19 12.26 13.68
CA PHE A 24 17.18 13.14 13.13
C PHE A 24 16.85 12.72 11.68
N GLN A 25 17.89 12.42 10.90
CA GLN A 25 17.68 12.02 9.50
C GLN A 25 16.86 10.71 9.38
N LYS A 26 17.09 9.78 10.31
CA LYS A 26 16.34 8.54 10.30
C LYS A 26 14.86 8.79 10.62
N ILE A 27 14.59 9.78 11.46
CA ILE A 27 13.19 10.13 11.70
C ILE A 27 12.57 10.64 10.39
N LEU A 28 13.26 11.52 9.67
CA LEU A 28 12.80 12.05 8.39
C LEU A 28 12.55 10.95 7.34
N ASP A 29 13.51 10.02 7.25
CA ASP A 29 13.43 8.93 6.29
C ASP A 29 12.22 8.03 6.57
N PHE A 30 11.98 7.75 7.84
CA PHE A 30 10.82 6.95 8.23
C PHE A 30 9.52 7.61 7.72
N MET A 31 9.39 8.91 7.97
CA MET A 31 8.20 9.63 7.54
C MET A 31 8.06 9.59 6.01
N LYS A 32 9.17 9.78 5.32
CA LYS A 32 9.12 9.77 3.87
C LYS A 32 8.71 8.37 3.36
N ASP A 33 9.27 7.34 3.94
CA ASP A 33 8.93 5.97 3.55
C ASP A 33 7.44 5.67 3.70
N VAL A 34 6.86 6.09 4.79
CA VAL A 34 5.44 5.87 5.02
C VAL A 34 4.61 6.63 3.98
N MET A 35 5.01 7.88 3.70
CA MET A 35 4.30 8.72 2.76
C MET A 35 4.39 8.14 1.34
N LYS A 36 5.57 7.71 0.95
CA LYS A 36 5.75 7.13 -0.36
C LYS A 36 4.92 5.85 -0.53
N LYS A 37 4.94 4.98 0.49
CA LYS A 37 4.18 3.75 0.45
C LYS A 37 2.68 3.99 0.31
N LEU A 38 2.19 5.04 0.97
CA LEU A 38 0.76 5.35 0.97
C LEU A 38 0.39 6.49 -0.01
N SER A 39 1.23 6.73 -1.01
CA SER A 39 0.95 7.77 -1.99
C SER A 39 -0.30 7.36 -2.82
N ASN A 40 -1.06 8.36 -3.28
CA ASN A 40 -2.21 8.18 -4.14
C ASN A 40 -3.32 7.42 -3.45
N THR A 41 -3.35 7.43 -2.13
CA THR A 41 -4.39 6.72 -1.43
C THR A 41 -5.37 7.70 -0.86
N SER A 42 -6.13 7.17 0.10
CA SER A 42 -7.10 7.92 0.86
C SER A 42 -6.48 8.76 1.99
N TYR A 43 -5.23 8.46 2.30
CA TYR A 43 -4.51 9.15 3.36
C TYR A 43 -3.99 10.53 2.90
N GLN A 44 -4.08 11.51 3.78
CA GLN A 44 -3.51 12.84 3.57
C GLN A 44 -2.53 13.04 4.74
N PHE A 45 -1.46 13.80 4.52
CA PHE A 45 -0.44 14.01 5.57
C PHE A 45 -0.10 15.48 5.82
N ALA A 46 0.39 15.69 7.04
CA ALA A 46 0.93 16.96 7.48
C ALA A 46 2.07 16.61 8.42
N ALA A 47 3.06 17.49 8.54
CA ALA A 47 4.21 17.21 9.43
C ALA A 47 4.56 18.46 10.23
N VAL A 48 4.75 18.25 11.51
CA VAL A 48 5.08 19.29 12.45
C VAL A 48 6.30 18.92 13.29
N GLN A 49 7.31 19.78 13.21
CA GLN A 49 8.48 19.59 14.03
C GLN A 49 8.26 20.32 15.34
N PHE A 50 8.70 19.70 16.44
CA PHE A 50 8.57 20.32 17.75
C PHE A 50 9.85 20.15 18.60
N SER A 51 10.15 21.19 19.36
CA SER A 51 11.27 21.16 20.28
C SER A 51 10.82 22.09 21.41
N THR A 52 11.41 23.28 21.49
CA THR A 52 10.95 24.27 22.46
C THR A 52 9.72 24.90 21.87
N SER A 53 9.81 25.17 20.58
CA SER A 53 8.74 25.77 19.86
C SER A 53 8.20 24.73 18.82
N TYR A 54 7.23 25.15 18.01
CA TYR A 54 6.57 24.26 17.04
C TYR A 54 6.56 24.89 15.66
N LYS A 55 6.76 24.08 14.64
CA LYS A 55 6.72 24.57 13.30
C LYS A 55 6.07 23.57 12.35
N THR A 56 5.05 24.03 11.63
CA THR A 56 4.41 23.23 10.61
C THR A 56 5.40 23.20 9.40
N GLU A 57 5.93 22.03 9.09
CA GLU A 57 6.87 21.89 7.99
C GLU A 57 6.10 21.81 6.66
N PHE A 58 4.91 21.19 6.69
CA PHE A 58 4.00 21.19 5.56
C PHE A 58 2.60 20.78 6.05
N ASP A 59 1.57 21.37 5.49
CA ASP A 59 0.20 21.07 5.89
C ASP A 59 -0.51 20.18 4.87
N PHE A 60 -1.78 19.83 5.12
CA PHE A 60 -2.51 18.95 4.21
C PHE A 60 -2.63 19.55 2.81
N SER A 61 -2.90 20.85 2.71
CA SER A 61 -3.03 21.48 1.41
C SER A 61 -1.69 21.42 0.64
N ASP A 62 -0.57 21.57 1.34
CA ASP A 62 0.75 21.42 0.71
C ASP A 62 0.92 20.01 0.11
N TYR A 63 0.58 19.01 0.91
CA TYR A 63 0.73 17.63 0.50
C TYR A 63 -0.14 17.31 -0.77
N VAL A 64 -1.39 17.73 -0.75
CA VAL A 64 -2.28 17.52 -1.90
C VAL A 64 -1.73 18.22 -3.15
N LYS A 65 -1.20 19.42 -3.00
CA LYS A 65 -0.72 20.20 -4.12
C LYS A 65 0.60 19.66 -4.72
N TRP A 66 1.58 19.37 -3.87
CA TRP A 66 2.90 18.97 -4.34
C TRP A 66 3.14 17.45 -4.35
N LYS A 67 2.51 16.73 -3.43
CA LYS A 67 2.59 15.27 -3.32
C LYS A 67 3.95 14.65 -3.00
N ASP A 68 5.04 15.32 -3.31
CA ASP A 68 6.36 14.79 -3.23
C ASP A 68 7.01 14.91 -1.83
N PRO A 69 7.12 13.80 -1.11
CA PRO A 69 7.67 13.77 0.26
C PRO A 69 9.05 14.35 0.36
N ASP A 70 9.89 14.05 -0.61
CA ASP A 70 11.25 14.58 -0.66
C ASP A 70 11.27 16.12 -0.77
N ALA A 71 10.42 16.66 -1.61
CA ALA A 71 10.37 18.09 -1.80
C ALA A 71 9.72 18.73 -0.55
N LEU A 72 8.69 18.08 0.00
CA LEU A 72 7.96 18.63 1.17
C LEU A 72 8.85 18.75 2.43
N LEU A 73 9.82 17.88 2.58
CA LEU A 73 10.70 17.89 3.76
C LEU A 73 12.12 18.38 3.48
N LYS A 74 12.34 18.90 2.27
CA LYS A 74 13.65 19.30 1.84
C LYS A 74 14.29 20.37 2.73
N HIS A 75 13.51 21.36 3.18
CA HIS A 75 14.07 22.47 3.94
C HIS A 75 13.84 22.43 5.44
N VAL A 76 13.68 21.23 5.98
CA VAL A 76 13.56 21.06 7.41
C VAL A 76 14.93 21.37 8.03
N LYS A 77 14.91 22.15 9.10
CA LYS A 77 16.12 22.45 9.83
C LYS A 77 15.96 22.04 11.32
N HIS A 78 16.84 21.15 11.75
CA HIS A 78 16.82 20.60 13.12
C HIS A 78 16.82 21.75 14.14
N MET A 79 15.79 21.81 14.99
CA MET A 79 15.66 22.90 15.97
C MET A 79 16.73 22.93 17.08
N LEU A 80 17.09 21.77 17.62
CA LEU A 80 18.13 21.66 18.63
C LEU A 80 17.83 22.34 19.96
N LEU A 81 16.63 22.19 20.48
CA LEU A 81 16.30 22.79 21.77
C LEU A 81 15.68 21.73 22.70
N LEU A 82 14.62 22.07 23.41
CA LEU A 82 14.01 21.16 24.38
C LEU A 82 12.81 20.28 23.77
N THR A 83 11.93 19.78 24.65
CA THR A 83 10.87 18.86 24.31
C THR A 83 9.53 19.19 24.93
N ASN A 84 8.88 20.22 24.43
CA ASN A 84 7.63 20.67 25.00
C ASN A 84 6.41 19.95 24.31
N THR A 85 6.27 18.68 24.65
CA THR A 85 5.30 17.77 24.03
C THR A 85 3.86 18.15 24.30
N PHE A 86 3.56 18.64 25.52
CA PHE A 86 2.20 19.05 25.85
C PHE A 86 1.79 20.20 24.95
N GLY A 87 2.66 21.19 24.83
CA GLY A 87 2.42 22.34 23.97
C GLY A 87 2.30 21.93 22.49
N ALA A 88 3.15 21.00 22.04
CA ALA A 88 3.12 20.58 20.64
C ALA A 88 1.78 19.85 20.29
N ILE A 89 1.31 18.98 21.18
CA ILE A 89 0.04 18.31 20.92
C ILE A 89 -1.09 19.34 20.81
N ASN A 90 -1.06 20.36 21.67
CA ASN A 90 -2.14 21.36 21.66
C ASN A 90 -2.06 22.16 20.39
N TYR A 91 -0.82 22.47 19.99
CA TYR A 91 -0.61 23.19 18.74
C TYR A 91 -1.27 22.47 17.53
N VAL A 92 -0.99 21.18 17.38
CA VAL A 92 -1.54 20.37 16.27
C VAL A 92 -3.09 20.34 16.25
N ALA A 93 -3.65 20.10 17.42
CA ALA A 93 -5.08 20.00 17.64
C ALA A 93 -5.80 21.28 17.23
N THR A 94 -5.26 22.44 17.58
CA THR A 94 -5.90 23.71 17.27
C THR A 94 -5.35 24.46 16.03
N GLU A 95 -4.11 24.21 15.62
CA GLU A 95 -3.56 24.95 14.47
C GLU A 95 -3.36 24.13 13.19
N VAL A 96 -3.32 22.81 13.26
CA VAL A 96 -3.04 22.03 12.06
C VAL A 96 -4.29 21.34 11.50
N PHE A 97 -5.11 20.74 12.37
CA PHE A 97 -6.35 20.10 11.95
C PHE A 97 -7.41 21.17 11.73
N ARG A 98 -7.24 21.93 10.67
CA ARG A 98 -8.16 23.02 10.34
C ARG A 98 -8.49 22.94 8.86
N GLU A 99 -9.75 23.16 8.56
CA GLU A 99 -10.26 23.05 7.20
C GLU A 99 -9.53 23.99 6.24
N GLU A 100 -9.11 25.14 6.77
CA GLU A 100 -8.43 26.16 5.99
C GLU A 100 -7.08 25.70 5.47
N LEU A 101 -6.45 24.78 6.22
CA LEU A 101 -5.16 24.21 5.88
C LEU A 101 -5.33 22.84 5.23
N GLY A 102 -6.53 22.53 4.74
CA GLY A 102 -6.76 21.31 3.98
C GLY A 102 -7.24 20.07 4.71
N ALA A 103 -7.47 20.18 6.01
CA ALA A 103 -8.02 19.07 6.78
C ALA A 103 -9.45 18.79 6.28
N ARG A 104 -9.82 17.52 6.18
CA ARG A 104 -11.16 17.11 5.72
C ARG A 104 -12.06 16.91 6.94
N PRO A 105 -13.19 17.63 6.93
CA PRO A 105 -14.16 17.55 8.04
C PRO A 105 -14.65 16.14 8.36
N ASP A 106 -14.66 15.25 7.37
CA ASP A 106 -15.14 13.90 7.63
C ASP A 106 -14.04 12.85 7.79
N ALA A 107 -12.78 13.27 7.86
CA ALA A 107 -11.72 12.28 8.00
C ALA A 107 -11.53 11.86 9.44
N THR A 108 -10.94 10.68 9.60
CA THR A 108 -10.49 10.27 10.93
C THR A 108 -9.14 10.97 11.21
N LYS A 109 -9.04 11.62 12.37
CA LYS A 109 -7.82 12.35 12.75
C LYS A 109 -6.83 11.45 13.48
N VAL A 110 -5.64 11.34 12.92
CA VAL A 110 -4.58 10.53 13.52
C VAL A 110 -3.27 11.34 13.71
N LEU A 111 -2.70 11.16 14.90
CA LEU A 111 -1.44 11.83 15.27
C LEU A 111 -0.38 10.76 15.61
N ILE A 112 0.75 10.86 14.91
CA ILE A 112 1.89 10.02 15.20
C ILE A 112 3.00 10.91 15.81
N ILE A 113 3.23 10.69 17.09
CA ILE A 113 4.29 11.42 17.83
C ILE A 113 5.59 10.61 17.86
N ILE A 114 6.68 11.17 17.36
CA ILE A 114 7.95 10.50 17.36
C ILE A 114 8.88 11.36 18.26
N THR A 115 9.33 10.74 19.35
CA THR A 115 10.13 11.45 20.36
C THR A 115 11.22 10.56 20.96
N ASP A 116 12.30 11.19 21.49
CA ASP A 116 13.42 10.47 22.09
C ASP A 116 13.68 10.89 23.56
N GLY A 117 12.68 11.52 24.15
CA GLY A 117 12.77 11.95 25.54
C GLY A 117 11.43 12.30 26.18
N GLU A 118 11.47 12.48 27.48
CA GLU A 118 10.31 12.87 28.26
C GLU A 118 10.03 14.33 28.02
N ALA A 119 8.78 14.74 28.19
CA ALA A 119 8.39 16.14 28.00
C ALA A 119 9.05 17.10 29.02
N THR A 120 9.38 18.30 28.58
CA THR A 120 9.97 19.31 29.46
C THR A 120 8.94 20.36 29.88
N ASP A 121 7.71 20.23 29.41
CA ASP A 121 6.63 21.13 29.81
C ASP A 121 5.57 20.30 30.52
N SER A 122 4.41 20.88 30.73
CA SER A 122 3.36 20.18 31.43
C SER A 122 2.04 20.78 31.03
N GLY A 123 0.95 20.16 31.45
CA GLY A 123 -0.37 20.70 31.17
C GLY A 123 -1.33 19.56 30.91
N ASN A 124 -2.29 19.81 30.03
CA ASN A 124 -3.26 18.79 29.64
C ASN A 124 -3.41 18.82 28.13
N ILE A 125 -3.95 17.74 27.57
CA ILE A 125 -4.18 17.63 26.14
C ILE A 125 -5.66 17.33 25.83
N ASP A 126 -6.55 17.87 26.67
CA ASP A 126 -7.99 17.71 26.48
C ASP A 126 -8.45 18.12 25.07
N ALA A 127 -7.78 19.12 24.50
CA ALA A 127 -8.08 19.56 23.14
C ALA A 127 -7.84 18.48 22.06
N ALA A 128 -7.10 17.43 22.40
CA ALA A 128 -6.76 16.38 21.42
C ALA A 128 -7.51 15.08 21.66
N LYS A 129 -8.56 15.15 22.49
CA LYS A 129 -9.32 13.96 22.89
C LYS A 129 -9.95 13.18 21.74
N ASP A 130 -10.35 13.87 20.70
CA ASP A 130 -10.96 13.21 19.56
C ASP A 130 -9.93 12.70 18.55
N ILE A 131 -8.65 12.93 18.80
CA ILE A 131 -7.62 12.53 17.85
C ILE A 131 -7.06 11.22 18.31
N ILE A 132 -6.90 10.26 17.39
CA ILE A 132 -6.25 8.99 17.72
C ILE A 132 -4.72 9.24 17.81
N ARG A 133 -4.12 8.84 18.92
CA ARG A 133 -2.73 9.18 19.18
C ARG A 133 -1.81 8.00 19.37
N TYR A 134 -0.88 7.85 18.44
CA TYR A 134 0.19 6.89 18.51
C TYR A 134 1.47 7.60 18.97
N ILE A 135 2.18 6.98 19.89
CA ILE A 135 3.47 7.52 20.30
C ILE A 135 4.59 6.50 20.08
N ILE A 136 5.67 6.97 19.48
CA ILE A 136 6.83 6.13 19.24
C ILE A 136 8.02 6.73 20.02
N GLY A 137 8.40 6.09 21.12
CA GLY A 137 9.50 6.54 21.95
C GLY A 137 10.76 5.78 21.58
N ILE A 138 11.83 6.50 21.22
CA ILE A 138 13.05 5.84 20.75
C ILE A 138 14.26 6.14 21.64
N GLY A 139 15.08 5.10 21.88
CA GLY A 139 16.36 5.29 22.52
C GLY A 139 16.56 5.03 24.01
N LYS A 140 17.76 5.40 24.46
CA LYS A 140 18.23 5.20 25.83
C LYS A 140 17.35 5.80 26.92
N HIS A 141 16.74 6.94 26.65
CA HIS A 141 15.91 7.62 27.66
C HIS A 141 14.66 6.84 28.02
N PHE A 142 14.39 5.76 27.29
CA PHE A 142 13.22 4.94 27.58
C PHE A 142 13.55 3.50 28.02
N GLN A 143 14.73 3.30 28.62
CA GLN A 143 15.11 1.97 29.12
C GLN A 143 14.26 1.54 30.32
N THR A 144 14.18 2.38 31.35
CA THR A 144 13.42 2.04 32.55
C THR A 144 11.94 2.00 32.23
N LYS A 145 11.20 1.13 32.92
CA LYS A 145 9.77 1.02 32.71
C LYS A 145 9.09 2.31 33.13
N GLU A 146 9.69 3.03 34.08
CA GLU A 146 9.13 4.28 34.58
C GLU A 146 9.15 5.37 33.53
N SER A 147 10.21 5.43 32.73
CA SER A 147 10.30 6.43 31.69
C SER A 147 9.29 6.14 30.58
N GLN A 148 9.09 4.86 30.27
CA GLN A 148 8.12 4.45 29.24
C GLN A 148 6.69 4.81 29.65
N GLU A 149 6.42 4.70 30.94
CA GLU A 149 5.10 4.99 31.45
C GLU A 149 4.71 6.44 31.30
N THR A 150 5.70 7.34 31.26
CA THR A 150 5.38 8.75 31.11
C THR A 150 4.70 9.01 29.77
N LEU A 151 5.00 8.18 28.77
CA LEU A 151 4.44 8.35 27.43
C LEU A 151 2.96 7.99 27.37
N HIS A 152 2.50 7.21 28.33
CA HIS A 152 1.12 6.71 28.33
C HIS A 152 0.12 7.84 28.35
N LYS A 153 0.45 8.92 29.02
CA LYS A 153 -0.46 10.05 29.11
C LYS A 153 -0.74 10.73 27.75
N PHE A 154 0.17 10.57 26.80
CA PHE A 154 0.00 11.18 25.47
C PHE A 154 -0.78 10.28 24.49
N ALA A 155 -0.77 8.98 24.73
CA ALA A 155 -1.35 8.03 23.80
C ALA A 155 -2.81 7.71 24.03
N SER A 156 -3.45 7.22 22.96
CA SER A 156 -4.81 6.72 23.06
C SER A 156 -4.82 5.43 23.89
N LYS A 157 -6.00 5.04 24.36
CA LYS A 157 -6.10 3.85 25.17
C LYS A 157 -6.59 2.68 24.32
N PRO A 158 -6.08 1.49 24.56
CA PRO A 158 -5.07 1.22 25.59
C PRO A 158 -3.62 1.49 25.16
N ALA A 159 -2.79 1.88 26.12
CA ALA A 159 -1.36 2.17 25.85
C ALA A 159 -0.61 1.02 25.16
N SER A 160 -0.97 -0.22 25.50
CA SER A 160 -0.31 -1.42 24.95
C SER A 160 -0.40 -1.48 23.45
N GLU A 161 -1.42 -0.88 22.88
CA GLU A 161 -1.55 -0.81 21.44
C GLU A 161 -1.01 0.50 20.84
N PHE A 162 -1.14 1.62 21.55
CA PHE A 162 -0.80 2.93 20.97
C PHE A 162 0.60 3.45 21.31
N VAL A 163 1.29 2.80 22.23
CA VAL A 163 2.64 3.18 22.57
C VAL A 163 3.63 2.17 22.01
N LYS A 164 4.59 2.67 21.24
CA LYS A 164 5.64 1.84 20.68
C LYS A 164 7.02 2.30 21.19
N ILE A 165 7.76 1.38 21.81
CA ILE A 165 9.07 1.73 22.32
C ILE A 165 10.14 1.05 21.47
N LEU A 166 10.98 1.84 20.82
CA LEU A 166 12.05 1.29 19.99
C LEU A 166 13.37 1.55 20.74
N ASP A 167 14.20 0.52 20.86
CA ASP A 167 15.47 0.70 21.58
C ASP A 167 16.51 1.50 20.78
N THR A 168 16.54 1.37 19.46
CA THR A 168 17.46 2.16 18.67
C THR A 168 16.72 2.81 17.49
N PHE A 169 17.37 3.76 16.88
CA PHE A 169 16.81 4.43 15.70
C PHE A 169 16.76 3.51 14.49
N GLU A 170 17.65 2.53 14.47
CA GLU A 170 17.69 1.54 13.40
C GLU A 170 16.37 0.74 13.35
N LYS A 171 15.71 0.60 14.50
CA LYS A 171 14.46 -0.14 14.60
C LYS A 171 13.24 0.49 13.86
N LEU A 172 13.33 1.76 13.46
CA LEU A 172 12.26 2.35 12.66
C LEU A 172 12.08 1.53 11.36
N LYS A 173 13.17 0.97 10.86
CA LYS A 173 13.14 0.12 9.68
C LYS A 173 12.21 -1.07 9.93
N ASP A 174 12.38 -1.70 11.09
CA ASP A 174 11.58 -2.87 11.45
C ASP A 174 10.11 -2.49 11.64
N LEU A 175 9.89 -1.32 12.22
CA LEU A 175 8.53 -0.82 12.39
C LEU A 175 7.85 -0.64 11.00
N PHE A 176 8.59 -0.09 10.06
CA PHE A 176 8.10 0.12 8.68
C PHE A 176 7.78 -1.23 8.02
N THR A 177 8.59 -2.25 8.33
CA THR A 177 8.34 -3.59 7.81
C THR A 177 7.04 -4.12 8.33
N GLU A 178 6.82 -3.90 9.62
CA GLU A 178 5.60 -4.31 10.31
C GLU A 178 4.36 -3.64 9.71
N LEU A 179 4.47 -2.35 9.47
CA LEU A 179 3.37 -1.59 8.91
C LEU A 179 3.01 -2.15 7.52
N GLN A 180 4.02 -2.42 6.73
CA GLN A 180 3.74 -2.88 5.37
C GLN A 180 2.96 -4.23 5.33
N LYS A 181 3.20 -5.11 6.30
CA LYS A 181 2.45 -6.38 6.37
C LYS A 181 0.97 -6.14 6.68
N LYS A 182 0.59 -4.95 7.09
CA LYS A 182 -0.82 -4.70 7.39
C LYS A 182 -1.51 -3.90 6.33
N ILE A 183 -0.91 -3.81 5.17
CA ILE A 183 -1.54 -3.09 4.06
C ILE A 183 -2.43 -4.05 3.22
N TYR A 184 -3.67 -3.66 2.98
CA TYR A 184 -4.58 -4.50 2.22
C TYR A 184 -5.42 -3.65 1.30
N VAL A 185 -5.84 -4.25 0.21
CA VAL A 185 -6.79 -3.62 -0.70
C VAL A 185 -8.14 -4.05 -0.15
N ILE A 186 -9.03 -3.10 0.10
CA ILE A 186 -10.33 -3.38 0.69
C ILE A 186 -11.50 -2.93 -0.18
N GLY B 5 -5.83 -12.08 6.18
CA GLY B 5 -4.64 -12.99 6.21
C GLY B 5 -3.73 -12.84 5.00
N ASN B 6 -3.31 -13.98 4.45
CA ASN B 6 -2.53 -14.02 3.23
C ASN B 6 -3.31 -14.16 1.92
N VAL B 7 -2.83 -13.47 0.89
CA VAL B 7 -3.43 -13.56 -0.43
C VAL B 7 -2.36 -14.07 -1.41
N ASP B 8 -2.69 -15.14 -2.12
CA ASP B 8 -1.84 -15.69 -3.18
C ASP B 8 -2.53 -15.30 -4.47
N LEU B 9 -1.92 -14.39 -5.20
CA LEU B 9 -2.52 -13.83 -6.41
C LEU B 9 -1.76 -14.21 -7.69
N VAL B 10 -2.51 -14.71 -8.66
CA VAL B 10 -1.94 -15.06 -9.97
C VAL B 10 -2.51 -14.16 -11.08
N PHE B 11 -1.62 -13.52 -11.82
CA PHE B 11 -1.98 -12.78 -13.02
C PHE B 11 -1.94 -13.78 -14.20
N LEU B 12 -3.07 -13.91 -14.86
CA LEU B 12 -3.17 -14.78 -16.01
C LEU B 12 -3.37 -13.83 -17.16
N PHE B 13 -2.35 -13.62 -18.00
CA PHE B 13 -2.47 -12.57 -19.05
C PHE B 13 -2.40 -13.09 -20.51
N ASP B 14 -3.30 -12.52 -21.29
CA ASP B 14 -3.53 -12.82 -22.69
C ASP B 14 -2.34 -12.41 -23.53
N GLY B 15 -1.75 -13.36 -24.22
CA GLY B 15 -0.65 -13.05 -25.12
C GLY B 15 -0.99 -13.35 -26.59
N SER B 16 -2.27 -13.27 -26.92
CA SER B 16 -2.76 -13.61 -28.26
C SER B 16 -2.28 -12.67 -29.41
N MET B 17 -2.53 -13.10 -30.64
CA MET B 17 -2.14 -12.36 -31.85
C MET B 17 -2.91 -11.04 -32.04
N SER B 18 -4.03 -10.88 -31.38
CA SER B 18 -4.79 -9.63 -31.53
C SER B 18 -4.11 -8.44 -30.88
N LEU B 19 -3.19 -8.67 -29.94
CA LEU B 19 -2.59 -7.56 -29.21
C LEU B 19 -1.46 -6.92 -30.01
N GLN B 20 -1.44 -5.59 -30.05
CA GLN B 20 -0.32 -4.87 -30.64
C GLN B 20 0.77 -4.79 -29.56
N PRO B 21 2.01 -4.57 -29.97
CA PRO B 21 3.13 -4.51 -29.03
C PRO B 21 2.90 -3.58 -27.86
N ASP B 22 2.46 -2.36 -28.12
CA ASP B 22 2.25 -1.39 -27.05
C ASP B 22 1.09 -1.81 -26.13
N GLU B 23 0.12 -2.55 -26.64
CA GLU B 23 -0.98 -3.01 -25.83
C GLU B 23 -0.48 -4.11 -24.84
N PHE B 24 0.33 -5.03 -25.36
CA PHE B 24 0.89 -6.14 -24.57
C PHE B 24 1.77 -5.52 -23.47
N GLN B 25 2.55 -4.52 -23.83
CA GLN B 25 3.41 -3.82 -22.90
C GLN B 25 2.64 -3.10 -21.78
N LYS B 26 1.50 -2.48 -22.13
CA LYS B 26 0.66 -1.83 -21.13
C LYS B 26 0.10 -2.82 -20.13
N ILE B 27 -0.20 -4.04 -20.58
CA ILE B 27 -0.60 -5.08 -19.64
C ILE B 27 0.54 -5.40 -18.64
N LEU B 28 1.75 -5.56 -19.18
CA LEU B 28 2.92 -5.85 -18.37
C LEU B 28 3.15 -4.73 -17.34
N ASP B 29 3.03 -3.49 -17.81
CA ASP B 29 3.24 -2.32 -16.98
C ASP B 29 2.22 -2.31 -15.82
N PHE B 30 0.99 -2.69 -16.11
CA PHE B 30 -0.05 -2.71 -15.09
C PHE B 30 0.27 -3.70 -13.98
N MET B 31 0.68 -4.88 -14.37
CA MET B 31 0.99 -5.91 -13.41
C MET B 31 2.16 -5.47 -12.54
N LYS B 32 3.16 -4.85 -13.18
CA LYS B 32 4.34 -4.33 -12.48
C LYS B 32 3.96 -3.22 -11.48
N ASP B 33 3.09 -2.29 -11.87
CA ASP B 33 2.63 -1.20 -10.98
C ASP B 33 1.91 -1.77 -9.74
N VAL B 34 1.04 -2.75 -9.96
CA VAL B 34 0.31 -3.40 -8.87
C VAL B 34 1.28 -4.07 -7.91
N MET B 35 2.21 -4.85 -8.45
CA MET B 35 3.20 -5.56 -7.65
C MET B 35 4.12 -4.62 -6.85
N LYS B 36 4.56 -3.55 -7.48
CA LYS B 36 5.43 -2.56 -6.80
C LYS B 36 4.64 -1.89 -5.66
N LYS B 37 3.39 -1.52 -5.92
CA LYS B 37 2.55 -0.89 -4.91
C LYS B 37 2.36 -1.82 -3.70
N LEU B 38 2.18 -3.11 -3.95
CA LEU B 38 1.97 -4.07 -2.85
C LEU B 38 3.22 -4.89 -2.46
N SER B 39 4.40 -4.38 -2.72
CA SER B 39 5.60 -5.09 -2.35
C SER B 39 5.76 -5.04 -0.79
N ASN B 40 6.35 -6.10 -0.23
CA ASN B 40 6.57 -6.22 1.20
C ASN B 40 5.30 -6.36 2.00
N THR B 41 4.20 -6.76 1.37
CA THR B 41 2.98 -6.99 2.10
C THR B 41 2.78 -8.48 2.29
N SER B 42 1.59 -8.87 2.70
CA SER B 42 1.21 -10.26 2.82
C SER B 42 0.78 -10.87 1.47
N TYR B 43 0.72 -10.05 0.42
CA TYR B 43 0.38 -10.57 -0.89
C TYR B 43 1.64 -11.24 -1.48
N GLN B 44 1.45 -12.37 -2.17
CA GLN B 44 2.51 -13.04 -2.95
C GLN B 44 1.97 -13.09 -4.36
N PHE B 45 2.83 -13.13 -5.37
CA PHE B 45 2.38 -13.11 -6.75
C PHE B 45 3.03 -14.18 -7.66
N ALA B 46 2.28 -14.59 -8.68
CA ALA B 46 2.79 -15.42 -9.77
C ALA B 46 2.19 -14.85 -11.08
N ALA B 47 2.83 -15.11 -12.22
CA ALA B 47 2.30 -14.61 -13.51
C ALA B 47 2.35 -15.68 -14.58
N VAL B 48 1.23 -15.86 -15.25
CA VAL B 48 1.14 -16.88 -16.27
C VAL B 48 0.66 -16.20 -17.55
N GLN B 49 1.47 -16.36 -18.59
CA GLN B 49 1.07 -15.89 -19.92
C GLN B 49 0.31 -17.07 -20.58
N PHE B 50 -0.79 -16.76 -21.26
CA PHE B 50 -1.51 -17.76 -22.01
C PHE B 50 -1.87 -17.27 -23.43
N SER B 51 -1.91 -18.23 -24.35
CA SER B 51 -2.34 -17.97 -25.72
C SER B 51 -2.94 -19.28 -26.23
N THR B 52 -2.21 -19.96 -27.10
CA THR B 52 -2.63 -21.29 -27.51
C THR B 52 -2.21 -22.18 -26.37
N SER B 53 -1.00 -21.92 -25.91
CA SER B 53 -0.41 -22.65 -24.84
C SER B 53 -0.23 -21.74 -23.57
N TYR B 54 0.37 -22.31 -22.52
CA TYR B 54 0.50 -21.60 -21.25
C TYR B 54 1.93 -21.65 -20.77
N LYS B 55 2.38 -20.55 -20.19
CA LYS B 55 3.72 -20.49 -19.65
C LYS B 55 3.78 -19.70 -18.33
N THR B 56 4.29 -20.33 -17.29
CA THR B 56 4.52 -19.68 -16.01
C THR B 56 5.72 -18.78 -16.19
N GLU B 57 5.52 -17.47 -16.17
CA GLU B 57 6.64 -16.54 -16.34
C GLU B 57 7.45 -16.39 -15.02
N PHE B 58 6.77 -16.50 -13.89
CA PHE B 58 7.42 -16.56 -12.59
C PHE B 58 6.40 -17.12 -11.62
N ASP B 59 6.85 -17.93 -10.70
CA ASP B 59 5.96 -18.54 -9.71
C ASP B 59 6.14 -17.86 -8.33
N PHE B 60 5.36 -18.29 -7.37
CA PHE B 60 5.43 -17.71 -6.03
C PHE B 60 6.82 -17.75 -5.45
N SER B 61 7.53 -18.89 -5.63
CA SER B 61 8.85 -19.03 -5.06
C SER B 61 9.82 -18.01 -5.69
N ASP B 62 9.69 -17.79 -6.99
CA ASP B 62 10.54 -16.78 -7.68
C ASP B 62 10.27 -15.39 -7.07
N TYR B 63 8.99 -15.12 -6.83
CA TYR B 63 8.61 -13.82 -6.30
C TYR B 63 9.25 -13.60 -4.91
N VAL B 64 9.06 -14.53 -3.99
CA VAL B 64 9.62 -14.31 -2.65
C VAL B 64 11.15 -14.27 -2.72
N LYS B 65 11.74 -15.02 -3.64
CA LYS B 65 13.19 -15.04 -3.77
C LYS B 65 13.77 -13.74 -4.34
N TRP B 66 13.20 -13.23 -5.44
CA TRP B 66 13.74 -12.06 -6.12
C TRP B 66 13.06 -10.75 -5.79
N LYS B 67 11.75 -10.77 -5.57
CA LYS B 67 10.98 -9.59 -5.15
C LYS B 67 11.14 -8.34 -5.99
N ASP B 68 11.49 -8.47 -7.25
CA ASP B 68 11.75 -7.35 -8.13
C ASP B 68 10.88 -7.55 -9.38
N PRO B 69 9.75 -6.88 -9.44
CA PRO B 69 8.82 -7.00 -10.59
C PRO B 69 9.42 -6.68 -11.95
N ASP B 70 10.32 -5.70 -12.02
CA ASP B 70 10.97 -5.39 -13.30
C ASP B 70 11.84 -6.57 -13.75
N ALA B 71 12.59 -7.14 -12.83
CA ALA B 71 13.45 -8.29 -13.16
C ALA B 71 12.61 -9.55 -13.52
N LEU B 72 11.55 -9.77 -12.78
CA LEU B 72 10.73 -10.95 -12.94
C LEU B 72 9.99 -11.05 -14.28
N LEU B 73 9.67 -9.90 -14.86
CA LEU B 73 8.93 -9.84 -16.11
C LEU B 73 9.79 -9.31 -17.25
N LYS B 74 11.09 -9.15 -17.01
CA LYS B 74 12.00 -8.60 -18.00
C LYS B 74 12.10 -9.42 -19.34
N HIS B 75 12.02 -10.75 -19.28
CA HIS B 75 12.20 -11.57 -20.48
C HIS B 75 10.94 -12.26 -20.97
N VAL B 76 9.80 -11.60 -20.83
CA VAL B 76 8.57 -12.18 -21.31
C VAL B 76 8.57 -12.01 -22.85
N LYS B 77 8.20 -13.07 -23.55
CA LYS B 77 8.14 -13.01 -25.02
C LYS B 77 6.68 -13.19 -25.45
N HIS B 78 6.14 -12.20 -26.14
CA HIS B 78 4.76 -12.21 -26.59
C HIS B 78 4.48 -13.46 -27.45
N MET B 79 3.56 -14.31 -27.03
CA MET B 79 3.32 -15.57 -27.75
C MET B 79 2.76 -15.39 -29.18
N LEU B 80 1.78 -14.50 -29.37
CA LEU B 80 1.16 -14.21 -30.68
C LEU B 80 0.37 -15.34 -31.33
N LEU B 81 -0.38 -16.07 -30.54
CA LEU B 81 -1.20 -17.17 -31.06
C LEU B 81 -2.66 -16.97 -30.67
N LEU B 82 -3.34 -17.99 -30.18
CA LEU B 82 -4.77 -17.91 -29.89
C LEU B 82 -5.11 -17.51 -28.44
N THR B 83 -6.28 -17.93 -27.97
CA THR B 83 -6.78 -17.53 -26.67
C THR B 83 -7.47 -18.67 -25.94
N ASN B 84 -6.72 -19.69 -25.56
CA ASN B 84 -7.28 -20.85 -24.87
C ASN B 84 -7.43 -20.63 -23.36
N THR B 85 -8.46 -19.89 -23.03
CA THR B 85 -8.76 -19.44 -21.66
C THR B 85 -9.19 -20.56 -20.73
N PHE B 86 -10.01 -21.51 -21.20
CA PHE B 86 -10.47 -22.60 -20.33
C PHE B 86 -9.25 -23.40 -19.90
N GLY B 87 -8.46 -23.80 -20.87
CA GLY B 87 -7.24 -24.52 -20.58
C GLY B 87 -6.29 -23.71 -19.66
N ALA B 88 -6.19 -22.40 -19.90
CA ALA B 88 -5.35 -21.51 -19.09
C ALA B 88 -5.73 -21.54 -17.59
N ILE B 89 -7.02 -21.40 -17.31
CA ILE B 89 -7.54 -21.39 -15.95
C ILE B 89 -7.28 -22.73 -15.24
N ASN B 90 -7.44 -23.84 -15.97
CA ASN B 90 -7.24 -25.17 -15.40
C ASN B 90 -5.77 -25.35 -15.12
N TYR B 91 -4.94 -24.88 -16.05
CA TYR B 91 -3.51 -24.92 -15.86
C TYR B 91 -3.13 -24.19 -14.58
N VAL B 92 -3.64 -22.97 -14.41
CA VAL B 92 -3.33 -22.23 -13.19
C VAL B 92 -3.80 -23.01 -11.95
N ALA B 93 -5.02 -23.54 -12.01
CA ALA B 93 -5.60 -24.22 -10.86
C ALA B 93 -4.84 -25.47 -10.42
N THR B 94 -4.27 -26.21 -11.36
CA THR B 94 -3.61 -27.46 -11.02
C THR B 94 -2.09 -27.41 -10.97
N GLU B 95 -1.48 -26.50 -11.72
CA GLU B 95 -0.04 -26.41 -11.80
C GLU B 95 0.63 -25.24 -11.05
N VAL B 96 -0.04 -24.09 -10.95
CA VAL B 96 0.56 -22.91 -10.34
C VAL B 96 0.31 -22.81 -8.83
N PHE B 97 -0.93 -23.03 -8.40
CA PHE B 97 -1.28 -23.01 -6.98
C PHE B 97 -0.86 -24.30 -6.25
N ARG B 98 0.44 -24.58 -6.25
CA ARG B 98 0.97 -25.76 -5.62
C ARG B 98 1.94 -25.34 -4.54
N GLU B 99 1.91 -26.08 -3.43
CA GLU B 99 2.81 -25.83 -2.32
C GLU B 99 4.26 -25.87 -2.76
N GLU B 100 4.58 -26.81 -3.66
CA GLU B 100 5.97 -26.97 -4.11
C GLU B 100 6.44 -25.78 -4.90
N LEU B 101 5.50 -25.02 -5.47
CA LEU B 101 5.86 -23.82 -6.23
C LEU B 101 5.76 -22.54 -5.37
N GLY B 102 5.63 -22.70 -4.07
CA GLY B 102 5.62 -21.56 -3.16
C GLY B 102 4.24 -21.10 -2.70
N ALA B 103 3.18 -21.75 -3.17
CA ALA B 103 1.84 -21.40 -2.73
C ALA B 103 1.72 -21.66 -1.22
N ARG B 104 0.96 -20.82 -0.52
CA ARG B 104 0.76 -20.95 0.93
C ARG B 104 -0.59 -21.61 1.20
N PRO B 105 -0.55 -22.70 1.96
CA PRO B 105 -1.77 -23.49 2.25
C PRO B 105 -2.86 -22.65 2.87
N ASP B 106 -2.47 -21.75 3.76
CA ASP B 106 -3.42 -20.88 4.48
C ASP B 106 -3.97 -19.68 3.69
N ALA B 107 -3.37 -19.35 2.54
CA ALA B 107 -3.75 -18.14 1.81
C ALA B 107 -5.10 -18.20 1.06
N THR B 108 -5.68 -17.04 0.82
CA THR B 108 -6.84 -16.94 -0.03
C THR B 108 -6.31 -16.91 -1.46
N LYS B 109 -6.91 -17.68 -2.35
CA LYS B 109 -6.46 -17.78 -3.75
C LYS B 109 -7.22 -16.83 -4.64
N VAL B 110 -6.48 -15.97 -5.33
CA VAL B 110 -7.08 -15.00 -6.23
C VAL B 110 -6.44 -15.08 -7.64
N LEU B 111 -7.27 -14.99 -8.66
CA LEU B 111 -6.81 -15.05 -10.03
C LEU B 111 -7.31 -13.82 -10.76
N ILE B 112 -6.40 -13.12 -11.41
CA ILE B 112 -6.82 -11.97 -12.20
C ILE B 112 -6.52 -12.27 -13.64
N ILE B 113 -7.59 -12.37 -14.44
CA ILE B 113 -7.47 -12.68 -15.87
C ILE B 113 -7.55 -11.39 -16.68
N ILE B 114 -6.56 -11.20 -17.53
CA ILE B 114 -6.50 -10.04 -18.37
C ILE B 114 -6.55 -10.55 -19.81
N THR B 115 -7.55 -10.08 -20.58
CA THR B 115 -7.78 -10.57 -21.94
C THR B 115 -8.41 -9.55 -22.88
N ASP B 116 -8.13 -9.67 -24.17
CA ASP B 116 -8.73 -8.76 -25.13
C ASP B 116 -9.69 -9.48 -26.09
N GLY B 117 -10.16 -10.68 -25.74
CA GLY B 117 -11.05 -11.41 -26.63
C GLY B 117 -11.71 -12.64 -26.06
N GLU B 118 -12.58 -13.26 -26.87
CA GLU B 118 -13.29 -14.47 -26.45
C GLU B 118 -12.40 -15.68 -26.44
N ALA B 119 -12.72 -16.64 -25.60
CA ALA B 119 -11.98 -17.87 -25.53
C ALA B 119 -12.10 -18.64 -26.87
N THR B 120 -11.03 -19.32 -27.27
CA THR B 120 -11.05 -20.11 -28.50
C THR B 120 -11.13 -21.60 -28.19
N ASP B 121 -11.47 -21.93 -26.95
CA ASP B 121 -11.61 -23.31 -26.58
C ASP B 121 -12.85 -23.42 -25.74
N SER B 122 -13.04 -24.56 -25.09
CA SER B 122 -14.22 -24.78 -24.30
C SER B 122 -13.92 -25.84 -23.26
N GLY B 123 -14.83 -25.99 -22.32
CA GLY B 123 -14.65 -26.98 -21.27
C GLY B 123 -15.35 -26.48 -20.04
N ASN B 124 -14.84 -26.88 -18.88
CA ASN B 124 -15.36 -26.41 -17.61
C ASN B 124 -14.18 -25.93 -16.77
N ILE B 125 -14.45 -25.15 -15.74
CA ILE B 125 -13.39 -24.67 -14.86
C ILE B 125 -13.69 -25.05 -13.41
N ASP B 126 -14.24 -26.25 -13.24
CA ASP B 126 -14.60 -26.74 -11.91
C ASP B 126 -13.37 -26.84 -11.03
N ALA B 127 -12.20 -27.01 -11.65
CA ALA B 127 -10.96 -27.09 -10.89
C ALA B 127 -10.65 -25.77 -10.17
N ALA B 128 -11.14 -24.66 -10.71
CA ALA B 128 -10.87 -23.33 -10.17
C ALA B 128 -12.01 -22.77 -9.32
N LYS B 129 -12.98 -23.61 -8.94
CA LYS B 129 -14.14 -23.14 -8.17
C LYS B 129 -13.75 -22.47 -6.85
N ASP B 130 -12.75 -23.03 -6.17
CA ASP B 130 -12.28 -22.49 -4.89
C ASP B 130 -11.48 -21.19 -5.05
N ILE B 131 -11.22 -20.78 -6.28
CA ILE B 131 -10.42 -19.61 -6.54
C ILE B 131 -11.29 -18.42 -6.87
N ILE B 132 -11.00 -17.28 -6.25
CA ILE B 132 -11.69 -16.04 -6.55
C ILE B 132 -11.15 -15.52 -7.87
N ARG B 133 -12.05 -15.26 -8.80
CA ARG B 133 -11.69 -14.86 -10.15
C ARG B 133 -12.21 -13.52 -10.57
N TYR B 134 -11.27 -12.64 -10.95
CA TYR B 134 -11.54 -11.35 -11.53
C TYR B 134 -11.18 -11.45 -13.00
N ILE B 135 -11.97 -10.84 -13.85
CA ILE B 135 -11.60 -10.81 -15.24
C ILE B 135 -11.63 -9.38 -15.73
N ILE B 136 -10.61 -9.01 -16.47
CA ILE B 136 -10.51 -7.70 -17.04
C ILE B 136 -10.49 -7.85 -18.57
N GLY B 137 -11.61 -7.51 -19.21
CA GLY B 137 -11.74 -7.55 -20.65
C GLY B 137 -11.45 -6.19 -21.25
N ILE B 138 -10.53 -6.11 -22.21
CA ILE B 138 -10.14 -4.83 -22.78
C ILE B 138 -10.35 -4.74 -24.30
N GLY B 139 -10.76 -3.58 -24.78
CA GLY B 139 -10.78 -3.30 -26.22
C GLY B 139 -12.07 -3.42 -27.00
N LYS B 140 -11.92 -3.18 -28.30
CA LYS B 140 -13.05 -3.20 -29.24
C LYS B 140 -13.88 -4.47 -29.20
N HIS B 141 -13.23 -5.61 -28.99
CA HIS B 141 -13.94 -6.89 -28.99
C HIS B 141 -14.92 -7.05 -27.82
N PHE B 142 -15.09 -6.00 -27.03
CA PHE B 142 -16.04 -6.06 -25.91
C PHE B 142 -17.05 -4.91 -25.90
N GLN B 143 -17.35 -4.36 -27.07
CA GLN B 143 -18.36 -3.30 -27.20
C GLN B 143 -19.77 -3.83 -26.96
N THR B 144 -20.04 -5.03 -27.48
CA THR B 144 -21.36 -5.65 -27.36
C THR B 144 -21.56 -6.36 -26.03
N LYS B 145 -22.70 -6.10 -25.40
CA LYS B 145 -23.06 -6.76 -24.16
C LYS B 145 -22.96 -8.27 -24.34
N GLU B 146 -23.30 -8.76 -25.53
CA GLU B 146 -23.25 -10.17 -25.84
C GLU B 146 -21.88 -10.76 -25.53
N SER B 147 -20.84 -10.13 -26.08
CA SER B 147 -19.47 -10.57 -25.86
C SER B 147 -19.11 -10.45 -24.39
N GLN B 148 -19.39 -9.29 -23.79
CA GLN B 148 -19.12 -9.08 -22.37
C GLN B 148 -19.70 -10.22 -21.54
N GLU B 149 -20.89 -10.69 -21.91
CA GLU B 149 -21.56 -11.78 -21.21
C GLU B 149 -20.71 -13.05 -21.20
N THR B 150 -19.89 -13.22 -22.24
CA THR B 150 -19.05 -14.41 -22.35
C THR B 150 -18.02 -14.50 -21.21
N LEU B 151 -17.59 -13.36 -20.69
CA LEU B 151 -16.60 -13.33 -19.61
C LEU B 151 -17.19 -13.77 -18.29
N HIS B 152 -18.50 -13.55 -18.12
CA HIS B 152 -19.19 -13.92 -16.89
C HIS B 152 -18.98 -15.37 -16.50
N LYS B 153 -18.78 -16.25 -17.48
CA LYS B 153 -18.61 -17.67 -17.20
C LYS B 153 -17.27 -17.97 -16.49
N PHE B 154 -16.29 -17.10 -16.68
CA PHE B 154 -14.98 -17.27 -16.05
C PHE B 154 -14.93 -16.64 -14.66
N ALA B 155 -15.70 -15.57 -14.48
CA ALA B 155 -15.67 -14.78 -13.26
C ALA B 155 -16.37 -15.39 -12.05
N SER B 156 -16.03 -14.88 -10.88
CA SER B 156 -16.72 -15.24 -9.66
C SER B 156 -18.04 -14.48 -9.72
N LYS B 157 -19.01 -14.87 -8.91
CA LYS B 157 -20.29 -14.15 -8.91
C LYS B 157 -20.38 -13.28 -7.67
N PRO B 158 -21.04 -12.13 -7.78
CA PRO B 158 -21.68 -11.69 -9.02
C PRO B 158 -20.71 -11.06 -10.02
N ALA B 159 -20.92 -11.31 -11.30
CA ALA B 159 -20.09 -10.74 -12.35
C ALA B 159 -20.05 -9.21 -12.29
N SER B 160 -20.98 -8.62 -11.56
CA SER B 160 -21.10 -7.17 -11.47
C SER B 160 -19.95 -6.65 -10.70
N GLU B 161 -19.46 -7.50 -9.83
CA GLU B 161 -18.32 -7.10 -9.07
C GLU B 161 -17.01 -7.64 -9.62
N PHE B 162 -17.05 -8.84 -10.21
CA PHE B 162 -15.82 -9.48 -10.67
C PHE B 162 -15.47 -9.33 -12.15
N VAL B 163 -16.33 -8.72 -12.95
CA VAL B 163 -16.02 -8.50 -14.35
C VAL B 163 -15.81 -7.01 -14.59
N LYS B 164 -14.69 -6.67 -15.21
CA LYS B 164 -14.36 -5.30 -15.53
C LYS B 164 -14.11 -5.17 -17.02
N ILE B 165 -14.80 -4.22 -17.65
CA ILE B 165 -14.62 -3.95 -19.07
C ILE B 165 -14.02 -2.56 -19.24
N LEU B 166 -12.92 -2.47 -19.97
CA LEU B 166 -12.26 -1.23 -20.27
C LEU B 166 -12.30 -1.11 -21.78
N ASP B 167 -12.62 0.07 -22.29
CA ASP B 167 -12.72 0.24 -23.74
C ASP B 167 -11.36 0.42 -24.41
N THR B 168 -10.37 0.89 -23.65
CA THR B 168 -9.00 1.00 -24.16
C THR B 168 -7.98 0.49 -23.14
N PHE B 169 -6.77 0.23 -23.62
CA PHE B 169 -5.67 -0.26 -22.79
C PHE B 169 -5.15 0.85 -21.89
N GLU B 170 -5.41 2.09 -22.29
CA GLU B 170 -5.01 3.24 -21.52
C GLU B 170 -5.83 3.31 -20.21
N LYS B 171 -7.02 2.72 -20.20
CA LYS B 171 -7.87 2.72 -19.01
C LYS B 171 -7.30 1.83 -17.89
N LEU B 172 -6.23 1.07 -18.18
CA LEU B 172 -5.58 0.29 -17.13
C LEU B 172 -5.01 1.24 -16.07
N LYS B 173 -4.45 2.37 -16.49
CA LYS B 173 -3.98 3.40 -15.55
C LYS B 173 -5.10 3.82 -14.58
N ASP B 174 -6.30 4.05 -15.13
CA ASP B 174 -7.47 4.42 -14.35
C ASP B 174 -7.83 3.38 -13.32
N LEU B 175 -7.71 2.12 -13.73
CA LEU B 175 -7.99 1.01 -12.84
C LEU B 175 -6.95 0.98 -11.70
N PHE B 176 -5.71 1.27 -12.02
CA PHE B 176 -4.65 1.29 -11.01
C PHE B 176 -4.95 2.45 -10.03
N THR B 177 -5.42 3.58 -10.55
CA THR B 177 -5.79 4.75 -9.71
C THR B 177 -6.86 4.37 -8.71
N GLU B 178 -7.87 3.65 -9.18
CA GLU B 178 -8.97 3.21 -8.32
C GLU B 178 -8.45 2.23 -7.28
N LEU B 179 -7.57 1.32 -7.70
CA LEU B 179 -7.02 0.33 -6.80
C LEU B 179 -6.32 1.03 -5.61
N GLN B 180 -5.50 2.02 -5.91
CA GLN B 180 -4.75 2.73 -4.87
C GLN B 180 -5.62 3.44 -3.83
N LYS B 181 -6.81 3.89 -4.26
CA LYS B 181 -7.74 4.59 -3.38
C LYS B 181 -8.30 3.59 -2.38
N LYS B 182 -8.17 2.30 -2.68
CA LYS B 182 -8.74 1.30 -1.78
C LYS B 182 -7.73 0.65 -0.89
N ILE B 183 -6.53 1.23 -0.81
CA ILE B 183 -5.48 0.69 0.02
C ILE B 183 -5.54 1.28 1.45
N TYR B 184 -5.56 0.41 2.44
CA TYR B 184 -5.64 0.83 3.85
C TYR B 184 -4.72 0.02 4.70
N VAL B 185 -4.28 0.65 5.79
CA VAL B 185 -3.53 -0.03 6.83
C VAL B 185 -4.57 -0.54 7.86
N ILE B 186 -4.50 -1.81 8.20
CA ILE B 186 -5.49 -2.39 9.11
C ILE B 186 -4.96 -2.90 10.44
#